data_7THS
#
_entry.id   7THS
#
_cell.length_a   48.723
_cell.length_b   50.598
_cell.length_c   92.757
_cell.angle_alpha   90.000
_cell.angle_beta   93.040
_cell.angle_gamma   90.000
#
_symmetry.space_group_name_H-M   'P 1 21 1'
#
loop_
_entity.id
_entity.type
_entity.pdbx_description
1 polymer Plasminogen
2 non-polymer (6S,9R,20R,23S)-N-{[4-(aminomethyl)phenyl]methyl}-20-[(benzenesulfonyl)amino]-3,13,21-trioxo-2,6,9,14,22-pentaazatetracyclo[23.2.2.2~6,9~.2~15,18~]tritriaconta-1(27),15,17,25,28,30-hexaene-23-carboxamide
3 non-polymer 'SULFATE ION'
4 non-polymer (2S)-butane-1,2-diol
5 water water
#
_entity_poly.entity_id   1
_entity_poly.type   'polypeptide(L)'
_entity_poly.pdbx_seq_one_letter_code
;AAPSFDCGKPQVEPKKCPGRVVGGCVAHPHSWPWQVSLRTRFGMHFCGGTLISPEWVLTAAHCLEKSPRPSSYKVILGAH
QEVNLEPHVQEIEVSRLFLEPTRKDIALLKLSSPAVITDKVIPACLPSPNYVVADRTECFITGWGETQGTFGAGLLKEAQ
LPVIENKVCNRYEFLNGRVQSTELCAGHLAGGTDSCQGDAGGPLVCFEKDKYILQGVTSWGLGCARPNKPGVYVRVSRFV
TWIEGVMRNN
;
_entity_poly.pdbx_strand_id   A,B
#
# COMPACT_ATOMS: atom_id res chain seq x y z
N ASP A 6 -25.16 -15.96 23.52
CA ASP A 6 -24.84 -14.74 24.28
C ASP A 6 -23.66 -14.01 23.63
N CYS A 7 -23.97 -13.14 22.69
CA CYS A 7 -22.91 -12.37 22.00
C CYS A 7 -22.19 -11.42 22.97
N GLY A 8 -20.91 -11.14 22.70
CA GLY A 8 -20.16 -10.11 23.45
C GLY A 8 -19.70 -10.46 24.84
N LYS A 9 -19.99 -11.67 25.30
CA LYS A 9 -19.66 -12.00 26.70
C LYS A 9 -18.63 -13.13 26.70
N PRO A 10 -17.33 -12.81 26.90
CA PRO A 10 -16.30 -13.83 26.93
C PRO A 10 -16.38 -14.69 28.19
N GLN A 11 -16.00 -15.69 28.02
CA GLN A 11 -15.97 -16.72 29.08
C GLN A 11 -14.61 -16.62 29.76
N VAL A 12 -13.66 -16.44 29.14
CA VAL A 12 -12.34 -16.07 29.73
C VAL A 12 -12.31 -14.55 29.74
N GLU A 13 -12.44 -13.94 30.91
CA GLU A 13 -12.48 -12.49 31.02
C GLU A 13 -11.17 -11.90 30.53
N PRO A 14 -11.20 -10.87 29.67
CA PRO A 14 -9.95 -10.24 29.23
C PRO A 14 -9.32 -9.43 30.34
N LYS A 15 -8.06 -9.08 30.07
CA LYS A 15 -7.30 -8.27 31.02
C LYS A 15 -6.88 -6.97 30.35
N LYS A 16 -6.73 -5.91 31.13
CA LYS A 16 -6.19 -4.64 30.59
C LYS A 16 -4.67 -4.81 30.45
N CYS A 17 -4.02 -3.96 29.67
CA CYS A 17 -2.53 -4.05 29.62
C CYS A 17 -1.90 -3.42 30.88
N PRO A 18 -0.60 -3.66 31.16
CA PRO A 18 0.11 -3.01 32.26
C PRO A 18 0.19 -1.48 32.13
N GLY A 19 0.02 -0.95 30.93
N VAL A 21 -0.27 -5.56 15.95
CA VAL A 21 -0.49 -4.60 17.03
C VAL A 21 0.84 -4.09 17.56
N VAL A 22 1.06 -2.78 17.42
CA VAL A 22 2.25 -2.13 17.95
C VAL A 22 1.97 -1.71 19.38
N GLY A 23 2.90 -2.06 20.28
CA GLY A 23 2.67 -1.78 21.72
C GLY A 23 1.60 -2.69 22.29
N GLY A 24 0.86 -2.19 23.27
CA GLY A 24 -0.20 -3.00 23.87
C GLY A 24 0.38 -4.18 24.61
N CYS A 25 -0.36 -5.28 24.65
CA CYS A 25 0.11 -6.48 25.39
C CYS A 25 -0.51 -7.73 24.79
N VAL A 26 0.03 -8.89 25.17
CA VAL A 26 -0.52 -10.19 24.69
C VAL A 26 -1.84 -10.39 25.41
N ALA A 27 -2.83 -10.85 24.67
CA ALA A 27 -4.16 -10.99 25.25
C ALA A 27 -4.26 -12.22 26.14
N HIS A 28 -4.98 -12.07 27.22
CA HIS A 28 -5.33 -13.24 28.00
C HIS A 28 -5.92 -14.28 27.04
N PRO A 29 -5.31 -15.46 26.92
CA PRO A 29 -5.71 -16.39 25.85
C PRO A 29 -7.20 -16.66 25.84
N HIS A 30 -7.80 -16.49 24.66
CA HIS A 30 -9.22 -16.75 24.41
C HIS A 30 -10.14 -15.75 25.09
N SER A 31 -9.59 -14.63 25.55
CA SER A 31 -10.40 -13.56 26.11
C SER A 31 -11.10 -12.73 25.04
N TRP A 32 -10.81 -13.01 23.77
CA TRP A 32 -11.46 -12.31 22.63
C TRP A 32 -11.99 -13.39 21.70
N PRO A 33 -13.05 -14.12 22.08
CA PRO A 33 -13.49 -15.30 21.34
C PRO A 33 -14.12 -15.05 19.95
N TRP A 34 -14.38 -13.79 19.62
CA TRP A 34 -14.93 -13.43 18.28
C TRP A 34 -13.78 -13.17 17.30
N GLN A 35 -12.56 -13.11 17.81
CA GLN A 35 -11.41 -12.78 16.93
C GLN A 35 -11.20 -13.92 15.92
N VAL A 36 -11.08 -13.63 14.71
CA VAL A 36 -10.74 -14.68 13.71
C VAL A 36 -9.45 -14.30 12.99
N SER A 37 -8.86 -15.35 12.43
CA SER A 37 -7.68 -15.14 11.56
C SER A 37 -8.12 -15.46 10.14
N LEU A 38 -8.00 -14.49 9.25
CA LEU A 38 -8.33 -14.72 7.85
C LEU A 38 -7.07 -15.15 7.11
N ARG A 39 -7.14 -16.32 6.51
CA ARG A 39 -5.93 -16.89 5.89
C ARG A 39 -6.13 -17.27 4.42
N THR A 40 -5.02 -17.44 3.72
CA THR A 40 -5.07 -17.91 2.32
C THR A 40 -5.41 -19.38 2.32
N ARG A 41 -5.77 -19.93 1.16
CA ARG A 41 -6.03 -21.39 1.06
C ARG A 41 -4.75 -22.11 1.48
N PHE A 42 -3.64 -21.37 1.58
CA PHE A 42 -2.32 -21.97 1.89
C PHE A 42 -1.96 -21.87 3.39
N GLY A 43 -2.78 -21.22 4.23
CA GLY A 43 -2.56 -21.22 5.69
C GLY A 43 -1.85 -19.99 6.23
N MET A 44 -1.67 -18.97 5.40
CA MET A 44 -0.89 -17.79 5.85
C MET A 44 -1.86 -16.73 6.39
N HIS A 45 -1.60 -16.28 7.61
CA HIS A 45 -2.42 -15.18 8.18
C HIS A 45 -2.12 -13.88 7.44
N PHE A 46 -3.16 -13.17 7.05
CA PHE A 46 -2.96 -11.86 6.39
C PHE A 46 -3.91 -10.78 6.92
N CYS A 47 -4.99 -11.19 7.54
CA CYS A 47 -6.01 -10.20 7.98
C CYS A 47 -6.78 -10.72 9.18
N GLY A 48 -7.47 -9.81 9.86
CA GLY A 48 -8.32 -10.25 10.97
C GLY A 48 -9.79 -10.25 10.58
N GLY A 49 -10.63 -10.65 11.52
CA GLY A 49 -12.07 -10.67 11.31
C GLY A 49 -12.76 -10.83 12.64
N THR A 50 -14.09 -10.65 12.56
CA THR A 50 -14.92 -10.76 13.78
C THR A 50 -16.13 -11.66 13.51
N LEU A 51 -16.31 -12.67 14.34
CA LEU A 51 -17.52 -13.52 14.23
C LEU A 51 -18.70 -12.74 14.80
N ILE A 52 -19.74 -12.54 13.99
CA ILE A 52 -20.94 -11.79 14.45
C ILE A 52 -22.11 -12.76 14.54
N SER A 53 -21.97 -13.93 13.93
CA SER A 53 -22.99 -15.00 14.04
C SER A 53 -22.30 -16.30 13.64
N PRO A 54 -22.80 -17.49 14.05
CA PRO A 54 -22.10 -18.73 13.76
C PRO A 54 -21.67 -18.89 12.29
N GLU A 55 -22.39 -18.25 11.36
CA GLU A 55 -22.11 -18.40 9.95
C GLU A 55 -21.49 -17.17 9.31
N TRP A 56 -21.31 -16.08 10.06
CA TRP A 56 -20.98 -14.80 9.47
C TRP A 56 -19.77 -14.17 10.14
N VAL A 57 -18.79 -13.78 9.32
CA VAL A 57 -17.60 -13.08 9.77
C VAL A 57 -17.54 -11.73 9.09
N LEU A 58 -17.23 -10.70 9.87
CA LEU A 58 -17.10 -9.34 9.37
C LEU A 58 -15.63 -8.97 9.28
N THR A 59 -15.20 -8.48 8.12
CA THR A 59 -13.81 -8.10 7.91
C THR A 59 -13.80 -6.85 7.04
N ALA A 60 -12.60 -6.48 6.59
CA ALA A 60 -12.42 -5.32 5.72
C ALA A 60 -12.40 -5.75 4.27
N ALA A 61 -13.06 -4.96 3.41
CA ALA A 61 -13.12 -5.28 1.99
C ALA A 61 -11.73 -5.37 1.37
N HIS A 62 -10.81 -4.52 1.79
CA HIS A 62 -9.47 -4.52 1.20
C HIS A 62 -8.74 -5.84 1.44
N CYS A 63 -9.14 -6.60 2.46
CA CYS A 63 -8.50 -7.91 2.76
C CYS A 63 -8.82 -8.93 1.65
N LEU A 64 -9.81 -8.63 0.83
CA LEU A 64 -10.26 -9.60 -0.21
C LEU A 64 -9.92 -9.04 -1.60
N GLU A 65 -9.04 -8.03 -1.67
CA GLU A 65 -8.70 -7.38 -2.96
C GLU A 65 -8.04 -8.39 -3.91
N LYS A 66 -7.25 -9.30 -3.38
CA LYS A 66 -6.50 -10.24 -4.25
C LYS A 66 -7.46 -11.19 -4.97
N SER A 67 -8.43 -11.76 -4.27
CA SER A 67 -9.30 -12.77 -4.93
C SER A 67 -10.79 -12.53 -4.69
N PRO A 68 -11.61 -12.56 -5.75
CA PRO A 68 -13.05 -12.45 -5.60
C PRO A 68 -13.63 -13.85 -5.38
N ARG A 69 -12.75 -14.84 -5.17
CA ARG A 69 -13.18 -16.25 -5.06
C ARG A 69 -13.22 -16.69 -3.59
N PRO A 70 -14.39 -17.14 -3.08
CA PRO A 70 -14.52 -17.55 -1.69
C PRO A 70 -13.55 -18.69 -1.38
N SER A 71 -13.24 -19.50 -2.39
CA SER A 71 -12.34 -20.66 -2.21
C SER A 71 -10.93 -20.21 -1.83
N SER A 72 -10.60 -18.95 -2.07
CA SER A 72 -9.24 -18.44 -1.79
C SER A 72 -9.07 -18.18 -0.29
N TYR A 73 -10.12 -18.39 0.50
CA TYR A 73 -10.02 -17.99 1.92
C TYR A 73 -10.42 -19.07 2.92
N LYS A 74 -9.80 -19.01 4.10
CA LYS A 74 -10.15 -19.92 5.20
C LYS A 74 -10.20 -19.07 6.48
N VAL A 75 -11.02 -19.46 7.43
CA VAL A 75 -11.16 -18.68 8.69
C VAL A 75 -10.74 -19.58 9.84
N ILE A 76 -9.90 -19.06 10.73
CA ILE A 76 -9.49 -19.80 11.94
C ILE A 76 -10.18 -19.16 13.13
N LEU A 77 -10.84 -19.97 13.95
CA LEU A 77 -11.57 -19.45 15.14
C LEU A 77 -11.05 -20.10 16.42
N GLY A 78 -11.01 -19.36 17.54
CA GLY A 78 -10.63 -19.88 18.83
C GLY A 78 -9.15 -19.98 19.10
N ALA A 79 -8.32 -19.33 18.30
CA ALA A 79 -6.88 -19.45 18.44
C ALA A 79 -6.31 -18.33 19.32
N HIS A 80 -5.06 -18.55 19.70
CA HIS A 80 -4.29 -17.52 20.43
C HIS A 80 -2.97 -17.42 19.67
N GLN A 81 -2.45 -18.60 19.28
CA GLN A 81 -1.16 -18.64 18.54
C GLN A 81 -1.45 -18.48 17.05
N GLU A 82 -0.55 -17.79 16.34
CA GLU A 82 -0.73 -17.59 14.89
C GLU A 82 -0.15 -18.80 14.14
N VAL A 83 0.93 -19.38 14.65
CA VAL A 83 1.60 -20.49 13.93
C VAL A 83 1.16 -21.84 14.50
N ASN A 84 1.46 -22.12 15.77
CA ASN A 84 1.17 -23.47 16.31
C ASN A 84 -0.30 -23.54 16.73
N LEU A 85 -1.21 -23.62 15.74
CA LEU A 85 -2.65 -23.59 16.07
C LEU A 85 -2.98 -24.65 17.12
N GLU A 86 -3.64 -24.24 18.20
CA GLU A 86 -4.07 -25.21 19.25
C GLU A 86 -4.93 -26.29 18.58
N PRO A 87 -5.14 -27.47 19.20
CA PRO A 87 -5.88 -28.54 18.56
C PRO A 87 -7.36 -28.17 18.40
N HIS A 88 -7.96 -27.61 19.44
CA HIS A 88 -9.41 -27.31 19.41
C HIS A 88 -9.70 -26.15 18.44
N VAL A 89 -8.70 -25.73 17.65
CA VAL A 89 -8.95 -24.53 16.80
C VAL A 89 -9.91 -24.91 15.67
N GLN A 90 -10.88 -24.05 15.38
CA GLN A 90 -11.84 -24.32 14.30
C GLN A 90 -11.35 -23.68 13.01
N GLU A 91 -11.22 -24.49 11.95
CA GLU A 91 -10.79 -24.00 10.66
C GLU A 91 -11.91 -24.25 9.66
N ILE A 92 -12.48 -23.17 9.13
CA ILE A 92 -13.69 -23.29 8.26
C ILE A 92 -13.50 -22.56 6.94
N GLU A 93 -13.95 -23.18 5.86
CA GLU A 93 -13.84 -22.56 4.53
C GLU A 93 -14.91 -21.48 4.37
N VAL A 94 -14.73 -20.62 3.37
CA VAL A 94 -15.69 -19.52 3.11
C VAL A 94 -16.49 -19.89 1.85
N SER A 95 -17.80 -19.75 1.92
CA SER A 95 -18.63 -20.09 0.78
C SER A 95 -19.00 -18.88 -0.06
N ARG A 96 -19.15 -17.69 0.53
CA ARG A 96 -19.53 -16.52 -0.24
C ARG A 96 -18.90 -15.26 0.35
N LEU A 97 -18.59 -14.31 -0.52
CA LEU A 97 -18.06 -13.02 -0.13
C LEU A 97 -19.06 -11.93 -0.47
N PHE A 98 -19.26 -11.00 0.45
CA PHE A 98 -20.18 -9.88 0.27
C PHE A 98 -19.41 -8.59 0.52
N LEU A 99 -19.03 -7.91 -0.56
CA LEU A 99 -18.41 -6.59 -0.45
C LEU A 99 -19.47 -5.53 -0.25
N GLU A 100 -19.22 -4.61 0.66
CA GLU A 100 -20.17 -3.53 0.90
C GLU A 100 -20.45 -2.80 -0.40
N PRO A 101 -21.72 -2.55 -0.74
CA PRO A 101 -22.07 -2.11 -2.09
C PRO A 101 -21.74 -0.66 -2.41
N THR A 102 -21.31 0.15 -1.44
CA THR A 102 -20.93 1.53 -1.70
C THR A 102 -19.42 1.72 -1.63
N ARG A 103 -18.67 0.63 -1.82
CA ARG A 103 -17.22 0.66 -1.92
C ARG A 103 -16.55 1.03 -0.61
N LYS A 104 -17.24 0.85 0.52
N LYS A 104 -17.25 0.84 0.51
CA LYS A 104 -16.63 1.05 1.82
CA LYS A 104 -16.64 1.04 1.82
C LYS A 104 -15.77 -0.15 2.18
C LYS A 104 -15.78 -0.16 2.19
N ASP A 105 -14.81 0.07 3.08
CA ASP A 105 -13.82 -0.95 3.41
C ASP A 105 -14.35 -1.95 4.45
N ILE A 106 -15.44 -2.62 4.09
CA ILE A 106 -16.05 -3.60 4.98
C ILE A 106 -16.70 -4.69 4.14
N ALA A 107 -16.73 -5.90 4.66
CA ALA A 107 -17.21 -7.05 3.91
C ALA A 107 -17.67 -8.14 4.86
N LEU A 108 -18.62 -8.95 4.38
CA LEU A 108 -19.13 -10.09 5.11
C LEU A 108 -18.63 -11.39 4.48
N LEU A 109 -18.23 -12.33 5.33
CA LEU A 109 -17.88 -13.67 4.92
C LEU A 109 -18.92 -14.63 5.45
N LYS A 110 -19.57 -15.36 4.56
CA LYS A 110 -20.46 -16.44 4.97
C LYS A 110 -19.66 -17.74 4.97
N LEU A 111 -19.58 -18.38 6.14
CA LEU A 111 -18.79 -19.58 6.30
C LEU A 111 -19.51 -20.79 5.69
N SER A 112 -18.72 -21.78 5.30
CA SER A 112 -19.28 -23.01 4.76
C SER A 112 -20.12 -23.74 5.80
N SER A 113 -19.66 -23.78 7.04
CA SER A 113 -20.39 -24.39 8.14
C SER A 113 -20.42 -23.43 9.31
N PRO A 114 -21.50 -23.42 10.08
CA PRO A 114 -21.57 -22.53 11.25
C PRO A 114 -20.51 -22.93 12.28
N ALA A 115 -19.75 -21.93 12.72
CA ALA A 115 -18.78 -22.16 13.78
C ALA A 115 -19.47 -22.78 14.98
N VAL A 116 -18.71 -23.58 15.73
CA VAL A 116 -19.23 -24.17 16.97
C VAL A 116 -18.98 -23.19 18.11
N ILE A 117 -20.04 -22.82 18.81
CA ILE A 117 -19.93 -21.88 19.92
C ILE A 117 -19.40 -22.62 21.14
N THR A 118 -18.29 -22.10 21.65
CA THR A 118 -17.62 -22.74 22.80
C THR A 118 -17.11 -21.62 23.70
N ASP A 119 -16.40 -21.96 24.76
CA ASP A 119 -15.84 -20.95 25.69
C ASP A 119 -14.76 -20.15 24.95
N LYS A 120 -14.33 -20.62 23.78
CA LYS A 120 -13.21 -19.94 23.08
C LYS A 120 -13.67 -19.39 21.73
N VAL A 121 -14.92 -19.68 21.34
CA VAL A 121 -15.42 -19.17 20.07
C VAL A 121 -16.81 -18.60 20.32
N ILE A 122 -16.91 -17.28 20.40
CA ILE A 122 -18.16 -16.60 20.71
C ILE A 122 -18.31 -15.39 19.80
N PRO A 123 -19.50 -15.10 19.29
CA PRO A 123 -19.68 -13.93 18.43
C PRO A 123 -19.74 -12.64 19.23
N ALA A 124 -19.30 -11.57 18.59
CA ALA A 124 -19.45 -10.24 19.15
C ALA A 124 -20.85 -9.69 18.82
N CYS A 125 -21.30 -8.74 19.64
CA CYS A 125 -22.58 -8.10 19.43
C CYS A 125 -22.44 -6.94 18.46
N LEU A 126 -23.52 -6.66 17.73
CA LEU A 126 -23.56 -5.51 16.84
C LEU A 126 -24.21 -4.31 17.54
N PRO A 127 -23.82 -3.11 17.15
CA PRO A 127 -24.44 -1.90 17.72
C PRO A 127 -25.76 -1.59 17.03
N SER A 128 -26.46 -0.63 17.61
CA SER A 128 -27.66 -0.10 16.98
C SER A 128 -27.29 0.80 15.81
N PRO A 129 -28.13 0.87 14.78
CA PRO A 129 -27.82 1.70 13.62
C PRO A 129 -27.55 3.15 14.00
N ASN A 130 -26.45 3.69 13.47
CA ASN A 130 -26.10 5.11 13.56
C ASN A 130 -25.58 5.53 14.92
N TYR A 131 -25.38 4.59 15.84
CA TYR A 131 -24.74 4.91 17.11
C TYR A 131 -23.36 5.53 16.84
N VAL A 132 -23.00 6.51 17.66
CA VAL A 132 -21.76 7.26 17.50
C VAL A 132 -20.94 7.09 18.78
N VAL A 133 -19.88 6.28 18.70
CA VAL A 133 -19.02 6.10 19.85
C VAL A 133 -18.50 7.45 20.33
N ALA A 134 -18.77 7.78 21.59
CA ALA A 134 -18.46 9.10 22.11
C ALA A 134 -16.97 9.36 22.15
N ASP A 135 -16.61 10.62 22.02
CA ASP A 135 -15.22 11.05 22.13
C ASP A 135 -14.63 10.56 23.45
N ARG A 136 -13.43 9.98 23.36
CA ARG A 136 -12.61 9.53 24.49
C ARG A 136 -13.01 8.14 25.00
N THR A 137 -14.06 7.53 24.45
CA THR A 137 -14.42 6.18 24.89
C THR A 137 -13.25 5.23 24.68
N GLU A 138 -12.89 4.50 25.73
CA GLU A 138 -11.78 3.56 25.69
C GLU A 138 -12.29 2.22 25.16
N CYS A 139 -11.86 1.85 23.96
CA CYS A 139 -12.22 0.59 23.36
C CYS A 139 -10.97 -0.24 23.11
N PHE A 140 -11.18 -1.47 22.65
CA PHE A 140 -10.10 -2.44 22.48
C PHE A 140 -9.99 -2.86 21.02
N ILE A 141 -8.75 -2.96 20.54
CA ILE A 141 -8.47 -3.57 19.25
C ILE A 141 -7.57 -4.77 19.50
N THR A 142 -7.70 -5.78 18.64
CA THR A 142 -6.97 -7.02 18.80
C THR A 142 -6.54 -7.54 17.43
N GLY A 143 -5.50 -8.37 17.42
CA GLY A 143 -5.07 -8.99 16.19
C GLY A 143 -3.65 -9.52 16.28
N TRP A 144 -3.24 -10.15 15.18
CA TRP A 144 -1.92 -10.73 15.02
C TRP A 144 -1.03 -9.93 14.08
N GLY A 145 -1.26 -8.63 13.95
CA GLY A 145 -0.54 -7.81 13.00
C GLY A 145 0.89 -7.50 13.41
N GLU A 146 1.55 -6.65 12.62
CA GLU A 146 2.96 -6.28 12.89
C GLU A 146 3.12 -5.68 14.29
N THR A 147 4.31 -5.81 14.88
CA THR A 147 4.55 -5.33 16.25
C THR A 147 5.57 -4.20 16.24
N GLN A 148 6.22 -3.97 15.09
CA GLN A 148 7.23 -2.88 14.96
C GLN A 148 8.16 -2.87 16.17
N GLY A 149 8.71 -4.03 16.54
CA GLY A 149 9.59 -4.14 17.72
C GLY A 149 8.91 -3.82 19.05
N THR A 150 7.88 -4.56 19.46
CA THR A 150 7.15 -4.21 20.70
C THR A 150 6.78 -5.46 21.49
N PHE A 151 7.11 -6.64 20.99
CA PHE A 151 6.89 -7.90 21.75
C PHE A 151 5.49 -8.45 21.47
N GLY A 152 5.34 -9.78 21.55
CA GLY A 152 4.03 -10.42 21.31
C GLY A 152 3.92 -11.05 19.93
N ALA A 153 4.96 -10.97 19.09
CA ALA A 153 4.80 -11.51 17.75
C ALA A 153 4.48 -12.99 17.80
N GLY A 154 3.41 -13.38 17.11
CA GLY A 154 2.96 -14.75 17.10
C GLY A 154 1.81 -15.07 18.03
N LEU A 155 1.48 -14.16 18.95
CA LEU A 155 0.37 -14.34 19.86
C LEU A 155 -0.64 -13.23 19.66
N LEU A 156 -1.88 -13.51 20.02
CA LEU A 156 -2.94 -12.50 19.88
C LEU A 156 -2.69 -11.35 20.86
N LYS A 157 -2.58 -10.15 20.32
CA LYS A 157 -2.33 -8.97 21.13
C LYS A 157 -3.56 -8.08 21.16
N GLU A 158 -3.56 -7.17 22.14
CA GLU A 158 -4.65 -6.24 22.34
C GLU A 158 -4.07 -4.86 22.62
N ALA A 159 -4.91 -3.84 22.45
CA ALA A 159 -4.55 -2.50 22.84
C ALA A 159 -5.83 -1.75 23.19
N GLN A 160 -5.77 -0.98 24.27
CA GLN A 160 -6.86 -0.15 24.71
C GLN A 160 -6.64 1.26 24.17
N LEU A 161 -7.52 1.70 23.29
CA LEU A 161 -7.34 2.96 22.60
C LEU A 161 -8.52 3.89 22.86
N PRO A 162 -8.28 5.19 22.97
CA PRO A 162 -9.40 6.14 23.09
C PRO A 162 -9.92 6.53 21.73
N VAL A 163 -11.25 6.59 21.63
CA VAL A 163 -11.88 7.08 20.41
C VAL A 163 -11.69 8.59 20.30
N ILE A 164 -11.51 9.08 19.09
CA ILE A 164 -11.33 10.50 18.81
C ILE A 164 -12.44 10.90 17.86
N GLU A 165 -13.28 11.84 18.29
CA GLU A 165 -14.43 12.23 17.47
C GLU A 165 -13.95 12.74 16.12
N ASN A 166 -14.73 12.43 15.08
CA ASN A 166 -14.30 12.71 13.71
C ASN A 166 -13.98 14.18 13.52
N LYS A 167 -14.74 15.07 14.15
CA LYS A 167 -14.51 16.51 13.97
C LYS A 167 -13.08 16.88 14.36
N VAL A 168 -12.57 16.30 15.45
CA VAL A 168 -11.20 16.55 15.85
C VAL A 168 -10.22 15.76 15.00
N CYS A 169 -10.54 14.48 14.73
CA CYS A 169 -9.66 13.65 13.94
C CYS A 169 -9.41 14.22 12.55
N ASN A 170 -10.38 14.94 12.01
CA ASN A 170 -10.27 15.51 10.66
C ASN A 170 -9.51 16.82 10.62
N ARG A 171 -9.10 17.35 11.77
CA ARG A 171 -8.38 18.60 11.78
C ARG A 171 -7.01 18.43 11.15
N TYR A 172 -6.41 19.56 10.76
CA TYR A 172 -5.11 19.53 10.11
C TYR A 172 -4.06 18.86 10.99
N GLU A 173 -4.13 19.10 12.31
CA GLU A 173 -3.13 18.54 13.21
C GLU A 173 -3.15 17.01 13.21
N PHE A 174 -4.23 16.38 12.75
CA PHE A 174 -4.36 14.94 12.82
C PHE A 174 -4.46 14.40 11.40
N LEU A 175 -5.65 14.04 10.91
CA LEU A 175 -5.76 13.38 9.62
C LEU A 175 -6.24 14.30 8.51
N ASN A 176 -6.52 15.57 8.81
CA ASN A 176 -6.69 16.61 7.79
C ASN A 176 -7.76 16.23 6.76
N GLY A 177 -8.98 16.02 7.27
CA GLY A 177 -10.15 15.86 6.43
C GLY A 177 -10.26 14.54 5.69
N ARG A 178 -9.47 13.54 6.06
CA ARG A 178 -9.47 12.27 5.35
C ARG A 178 -10.56 11.32 5.82
N VAL A 179 -11.15 11.60 6.98
CA VAL A 179 -12.07 10.63 7.63
C VAL A 179 -13.54 10.89 7.28
N GLN A 180 -14.24 9.84 6.90
CA GLN A 180 -15.66 9.98 6.51
C GLN A 180 -16.55 9.67 7.72
N SER A 181 -17.82 10.07 7.65
CA SER A 181 -18.80 9.82 8.73
C SER A 181 -18.94 8.32 8.98
N THR A 182 -18.75 7.52 7.94
CA THR A 182 -18.83 6.06 8.01
C THR A 182 -17.54 5.46 8.59
N GLU A 183 -16.62 6.31 9.08
CA GLU A 183 -15.43 5.83 9.76
C GLU A 183 -15.34 6.49 11.13
N LEU A 184 -14.48 5.91 11.98
CA LEU A 184 -14.17 6.51 13.27
C LEU A 184 -12.66 6.40 13.50
N CYS A 185 -12.16 7.27 14.36
CA CYS A 185 -10.74 7.32 14.70
C CYS A 185 -10.53 6.85 16.14
N ALA A 186 -9.37 6.25 16.38
CA ALA A 186 -8.99 5.80 17.71
C ALA A 186 -7.48 5.66 17.78
N GLY A 187 -6.93 6.01 18.93
CA GLY A 187 -5.50 5.83 19.16
C GLY A 187 -4.98 6.84 20.14
N HIS A 188 -3.76 6.58 20.60
CA HIS A 188 -3.09 7.50 21.54
C HIS A 188 -2.30 8.49 20.70
N LEU A 189 -2.58 9.78 20.88
CA LEU A 189 -1.94 10.79 20.00
C LEU A 189 -0.44 10.94 20.28
N ALA A 190 0.05 10.41 21.41
CA ALA A 190 1.51 10.47 21.65
C ALA A 190 2.20 9.35 20.87
N GLY A 191 1.41 8.41 20.36
CA GLY A 191 1.98 7.30 19.58
C GLY A 191 2.42 6.13 20.45
N GLY A 192 2.98 5.09 19.85
CA GLY A 192 3.51 3.95 20.56
C GLY A 192 2.60 2.74 20.60
N THR A 193 1.28 2.94 20.56
CA THR A 193 0.33 1.83 20.66
C THR A 193 -0.70 1.98 19.55
N ASP A 194 -0.86 0.94 18.74
CA ASP A 194 -1.75 1.05 17.58
C ASP A 194 -1.90 -0.32 16.95
N SER A 195 -2.99 -0.45 16.19
CA SER A 195 -3.17 -1.64 15.33
C SER A 195 -2.30 -1.41 14.10
N CYS A 196 -2.04 -2.44 13.32
CA CYS A 196 -1.11 -2.24 12.18
C CYS A 196 -1.40 -3.28 11.10
N GLN A 197 -0.60 -3.27 10.05
CA GLN A 197 -0.77 -4.25 8.95
C GLN A 197 -0.85 -5.64 9.57
N GLY A 198 -1.78 -6.47 9.10
CA GLY A 198 -1.99 -7.80 9.70
C GLY A 198 -3.18 -7.80 10.64
N ASP A 199 -3.57 -6.62 11.13
CA ASP A 199 -4.72 -6.50 12.05
C ASP A 199 -5.95 -6.03 11.26
N ALA A 200 -5.75 -5.56 10.04
CA ALA A 200 -6.86 -5.06 9.24
C ALA A 200 -7.98 -6.09 9.20
N GLY A 201 -9.22 -5.59 9.15
CA GLY A 201 -10.38 -6.44 9.21
C GLY A 201 -10.74 -6.94 10.58
N GLY A 202 -9.87 -6.75 11.57
CA GLY A 202 -10.14 -7.17 12.92
C GLY A 202 -11.06 -6.21 13.63
N PRO A 203 -11.41 -6.55 14.87
CA PRO A 203 -12.42 -5.79 15.61
C PRO A 203 -11.86 -4.62 16.39
N LEU A 204 -12.73 -3.63 16.57
CA LEU A 204 -12.60 -2.60 17.60
C LEU A 204 -13.87 -2.68 18.43
N VAL A 205 -13.75 -3.18 19.65
CA VAL A 205 -14.91 -3.44 20.50
C VAL A 205 -14.90 -2.47 21.67
N CYS A 206 -16.10 -2.12 22.12
CA CYS A 206 -16.28 -1.24 23.26
C CYS A 206 -17.19 -1.91 24.28
N PHE A 207 -16.81 -1.82 25.55
CA PHE A 207 -17.62 -2.41 26.62
C PHE A 207 -18.82 -1.53 26.93
N GLU A 208 -20.00 -2.15 26.82
CA GLU A 208 -21.27 -1.42 27.04
C GLU A 208 -22.15 -2.20 28.03
N LYS A 209 -22.24 -1.70 29.27
CA LYS A 209 -23.09 -2.31 30.34
C LYS A 209 -22.47 -3.61 30.85
N ASP A 210 -22.48 -4.66 30.03
CA ASP A 210 -22.03 -6.00 30.51
C ASP A 210 -21.45 -6.85 29.37
N LYS A 211 -21.21 -6.28 28.19
CA LYS A 211 -20.72 -7.08 27.07
C LYS A 211 -20.00 -6.17 26.09
N TYR A 212 -19.32 -6.79 25.13
CA TYR A 212 -18.52 -6.07 24.14
C TYR A 212 -19.29 -5.94 22.84
N ILE A 213 -19.32 -4.72 22.30
CA ILE A 213 -20.03 -4.39 21.07
C ILE A 213 -19.00 -4.09 20.00
N LEU A 214 -19.17 -4.69 18.82
CA LEU A 214 -18.31 -4.41 17.68
C LEU A 214 -18.66 -3.05 17.10
N GLN A 215 -17.77 -2.07 17.31
CA GLN A 215 -18.02 -0.72 16.83
C GLN A 215 -17.16 -0.33 15.64
N GLY A 216 -16.04 -1.00 15.42
CA GLY A 216 -15.15 -0.62 14.34
C GLY A 216 -14.52 -1.84 13.68
N VAL A 217 -14.14 -1.64 12.43
CA VAL A 217 -13.35 -2.61 11.66
C VAL A 217 -12.05 -1.95 11.28
N THR A 218 -10.94 -2.53 11.73
CA THR A 218 -9.62 -1.97 11.45
C THR A 218 -9.42 -1.81 9.96
N SER A 219 -9.19 -0.58 9.50
CA SER A 219 -9.16 -0.29 8.07
C SER A 219 -7.81 0.26 7.63
N TRP A 220 -7.46 1.49 7.98
CA TRP A 220 -6.24 2.10 7.46
C TRP A 220 -5.70 3.09 8.46
N GLY A 221 -4.59 3.72 8.08
CA GLY A 221 -3.98 4.76 8.88
C GLY A 221 -2.74 5.27 8.19
N LEU A 222 -2.33 6.47 8.60
CA LEU A 222 -1.07 7.05 8.13
C LEU A 222 0.04 6.43 8.97
N GLY A 223 0.52 5.27 8.53
CA GLY A 223 1.46 4.52 9.34
C GLY A 223 0.78 3.86 10.54
N CYS A 224 1.61 3.45 11.50
CA CYS A 224 1.11 2.79 12.74
C CYS A 224 1.79 3.40 13.98
N ALA A 225 1.02 3.72 15.00
CA ALA A 225 1.56 4.21 16.30
C ALA A 225 2.35 5.52 16.16
N ARG A 226 2.08 6.27 15.10
CA ARG A 226 2.79 7.55 14.90
C ARG A 226 2.08 8.65 15.69
N PRO A 227 2.82 9.66 16.17
CA PRO A 227 2.19 10.75 16.91
C PRO A 227 1.17 11.50 16.04
N ASN A 228 0.03 11.84 16.62
CA ASN A 228 -1.00 12.66 15.92
C ASN A 228 -1.60 11.93 14.72
N LYS A 229 -1.44 10.60 14.67
CA LYS A 229 -1.94 9.84 13.52
C LYS A 229 -2.75 8.66 14.03
N PRO A 230 -3.97 8.91 14.49
CA PRO A 230 -4.80 7.80 14.98
C PRO A 230 -5.26 6.90 13.86
N GLY A 231 -5.47 5.63 14.19
CA GLY A 231 -5.98 4.70 13.22
C GLY A 231 -7.41 5.02 12.82
N VAL A 232 -7.78 4.60 11.62
CA VAL A 232 -9.12 4.80 11.08
C VAL A 232 -9.80 3.45 10.98
N TYR A 233 -11.06 3.40 11.41
CA TYR A 233 -11.83 2.17 11.46
C TYR A 233 -13.19 2.41 10.81
N VAL A 234 -13.69 1.39 10.11
CA VAL A 234 -15.03 1.48 9.54
C VAL A 234 -16.03 1.52 10.67
N ARG A 235 -16.95 2.48 10.62
CA ARG A 235 -17.94 2.68 11.68
C ARG A 235 -19.06 1.66 11.50
N VAL A 236 -19.01 0.59 12.29
CA VAL A 236 -19.93 -0.54 12.09
C VAL A 236 -21.38 -0.11 12.19
N SER A 237 -21.68 0.85 13.08
CA SER A 237 -23.08 1.24 13.29
C SER A 237 -23.72 1.77 12.01
N ARG A 238 -22.93 2.27 11.07
CA ARG A 238 -23.46 2.78 9.81
C ARG A 238 -23.68 1.69 8.77
N PHE A 239 -23.38 0.43 9.11
CA PHE A 239 -23.57 -0.68 8.20
C PHE A 239 -24.37 -1.82 8.83
N VAL A 240 -24.97 -1.60 10.00
CA VAL A 240 -25.71 -2.67 10.66
C VAL A 240 -26.92 -3.08 9.82
N THR A 241 -27.64 -2.10 9.26
CA THR A 241 -28.83 -2.43 8.48
C THR A 241 -28.48 -3.24 7.25
N TRP A 242 -27.38 -2.89 6.58
CA TRP A 242 -26.93 -3.68 5.43
C TRP A 242 -26.51 -5.08 5.86
N ILE A 243 -25.73 -5.17 6.94
CA ILE A 243 -25.29 -6.47 7.44
C ILE A 243 -26.48 -7.37 7.74
N GLU A 244 -27.49 -6.83 8.42
CA GLU A 244 -28.64 -7.62 8.81
C GLU A 244 -29.42 -8.09 7.58
N GLY A 245 -29.57 -7.22 6.58
CA GLY A 245 -30.23 -7.63 5.36
C GLY A 245 -29.50 -8.76 4.66
N VAL A 246 -28.17 -8.71 4.65
CA VAL A 246 -27.40 -9.75 3.99
C VAL A 246 -27.59 -11.09 4.70
N MET A 247 -27.54 -11.06 6.02
CA MET A 247 -27.67 -12.32 6.78
C MET A 247 -29.09 -12.86 6.63
N ARG A 248 -30.08 -11.98 6.57
CA ARG A 248 -31.50 -12.42 6.50
C ARG A 248 -31.82 -12.99 5.12
N ASN A 249 -31.20 -12.44 4.08
CA ASN A 249 -31.58 -12.84 2.70
C ASN A 249 -30.59 -13.87 2.13
N ASN A 250 -29.62 -14.31 2.93
CA ASN A 250 -28.65 -15.28 2.45
C ASN A 250 -28.40 -16.36 3.49
N ALA B 1 40.05 -0.62 -10.31
CA ALA B 1 40.28 -1.76 -11.19
C ALA B 1 39.39 -2.95 -10.83
N ALA B 2 38.88 -2.96 -9.60
CA ALA B 2 38.02 -4.04 -9.16
C ALA B 2 36.75 -4.09 -10.03
N PRO B 3 36.09 -5.25 -10.10
CA PRO B 3 34.92 -5.36 -10.95
C PRO B 3 33.76 -4.51 -10.42
N SER B 4 33.09 -3.79 -11.31
CA SER B 4 31.91 -2.99 -10.92
C SER B 4 30.62 -3.76 -11.20
N PHE B 5 29.50 -3.08 -11.08
CA PHE B 5 28.17 -3.70 -11.32
C PHE B 5 27.70 -3.57 -12.78
N ASP B 6 27.03 -4.59 -13.29
CA ASP B 6 26.39 -4.51 -14.62
C ASP B 6 25.08 -3.74 -14.45
N CYS B 7 24.73 -2.91 -15.41
CA CYS B 7 23.49 -2.13 -15.32
C CYS B 7 22.55 -2.47 -16.48
N GLY B 8 21.25 -2.34 -16.26
CA GLY B 8 20.26 -2.45 -17.32
C GLY B 8 19.97 -3.85 -17.81
N LYS B 9 20.50 -4.88 -17.16
CA LYS B 9 20.26 -6.26 -17.58
C LYS B 9 19.57 -7.02 -16.46
N PRO B 10 18.24 -7.22 -16.52
CA PRO B 10 17.53 -7.87 -15.43
C PRO B 10 17.83 -9.39 -15.42
N GLN B 11 18.03 -9.96 -14.23
CA GLN B 11 18.24 -11.42 -14.11
C GLN B 11 16.89 -12.11 -14.32
N VAL B 12 15.80 -11.41 -14.03
CA VAL B 12 14.45 -11.94 -14.32
C VAL B 12 13.99 -11.22 -15.58
N GLU B 13 13.76 -11.97 -16.66
CA GLU B 13 13.46 -11.35 -17.95
C GLU B 13 12.08 -10.73 -17.94
N PRO B 14 11.94 -9.47 -18.37
CA PRO B 14 10.61 -8.87 -18.44
C PRO B 14 9.71 -9.58 -19.44
N LYS B 15 8.41 -9.40 -19.24
CA LYS B 15 7.39 -9.87 -20.16
C LYS B 15 6.55 -8.70 -20.65
N LYS B 16 6.11 -8.80 -21.89
CA LYS B 16 5.18 -7.81 -22.41
C LYS B 16 3.77 -8.10 -21.89
N CYS B 17 2.88 -7.15 -22.11
CA CYS B 17 1.50 -7.31 -21.63
C CYS B 17 0.76 -8.31 -22.52
N PRO B 18 -0.37 -8.86 -22.05
CA PRO B 18 -1.09 -9.84 -22.84
C PRO B 18 -1.40 -9.35 -24.26
N GLY B 19 -1.13 -10.21 -25.24
CA GLY B 19 -1.51 -9.89 -26.63
C GLY B 19 -0.47 -9.05 -27.36
N ARG B 20 0.62 -8.71 -26.68
CA ARG B 20 1.71 -7.94 -27.33
C ARG B 20 2.91 -8.88 -27.57
N VAL B 21 -0.15 3.09 -12.78
CA VAL B 21 -0.26 2.82 -14.23
C VAL B 21 -1.72 2.53 -14.56
N VAL B 22 -2.26 3.29 -15.50
CA VAL B 22 -3.64 3.02 -15.97
C VAL B 22 -3.49 2.10 -17.16
N GLY B 23 -4.34 1.07 -17.21
CA GLY B 23 -4.22 0.10 -18.27
C GLY B 23 -2.94 -0.68 -18.08
N GLY B 24 -2.33 -1.06 -19.18
CA GLY B 24 -1.13 -1.86 -19.09
C GLY B 24 -1.40 -3.20 -18.45
N CYS B 25 -0.43 -3.67 -17.67
CA CYS B 25 -0.53 -4.99 -17.05
C CYS B 25 0.42 -5.07 -15.87
N VAL B 26 0.19 -6.08 -15.03
CA VAL B 26 1.10 -6.36 -13.93
C VAL B 26 2.39 -6.93 -14.47
N ALA B 27 3.51 -6.41 -13.97
CA ALA B 27 4.82 -6.84 -14.47
C ALA B 27 5.17 -8.24 -13.99
N HIS B 28 6.03 -8.89 -14.74
CA HIS B 28 6.65 -10.13 -14.29
C HIS B 28 7.48 -9.82 -13.06
N PRO B 29 7.22 -10.43 -11.90
CA PRO B 29 7.83 -9.96 -10.65
C PRO B 29 9.35 -9.87 -10.75
N HIS B 30 9.87 -8.72 -10.33
CA HIS B 30 11.29 -8.45 -10.21
C HIS B 30 12.00 -8.36 -11.56
N SER B 31 11.25 -8.24 -12.66
CA SER B 31 11.85 -8.06 -13.97
C SER B 31 12.25 -6.61 -14.24
N TRP B 32 11.90 -5.68 -13.35
CA TRP B 32 12.30 -4.29 -13.43
C TRP B 32 13.06 -3.97 -12.15
N PRO B 33 14.26 -4.55 -11.97
CA PRO B 33 14.92 -4.53 -10.66
C PRO B 33 15.46 -3.17 -10.24
N TRP B 34 15.45 -2.18 -11.12
CA TRP B 34 15.83 -0.81 -10.77
C TRP B 34 14.67 0.01 -10.26
N GLN B 35 13.45 -0.51 -10.31
CA GLN B 35 12.29 0.23 -9.86
C GLN B 35 12.35 0.45 -8.36
N VAL B 36 12.17 1.70 -7.95
CA VAL B 36 12.18 2.10 -6.55
C VAL B 36 10.79 2.56 -6.15
N SER B 37 10.43 2.24 -4.91
CA SER B 37 9.24 2.82 -4.27
C SER B 37 9.70 3.89 -3.30
N LEU B 38 9.33 5.13 -3.55
CA LEU B 38 9.64 6.24 -2.65
C LEU B 38 8.49 6.39 -1.67
N ARG B 39 8.79 6.33 -0.38
CA ARG B 39 7.78 6.31 0.66
C ARG B 39 8.03 7.39 1.69
N THR B 40 7.01 7.68 2.48
CA THR B 40 7.17 8.61 3.61
C THR B 40 7.92 7.87 4.72
N ARG B 41 8.34 8.58 5.77
CA ARG B 41 8.99 7.92 6.93
C ARG B 41 7.99 6.94 7.54
N PHE B 42 6.70 7.23 7.40
CA PHE B 42 5.64 6.37 8.00
C PHE B 42 5.37 5.18 7.07
N GLY B 43 6.03 5.15 5.91
CA GLY B 43 5.96 3.97 5.06
C GLY B 43 4.93 4.00 3.94
N MET B 44 4.40 5.16 3.58
CA MET B 44 3.39 5.26 2.53
CA MET B 44 3.39 5.26 2.53
C MET B 44 4.07 5.53 1.19
N HIS B 45 3.78 4.70 0.20
CA HIS B 45 4.27 4.92 -1.18
C HIS B 45 3.59 6.17 -1.77
N PHE B 46 4.37 7.02 -2.45
CA PHE B 46 3.78 8.21 -3.10
C PHE B 46 4.46 8.50 -4.44
N CYS B 47 5.63 7.92 -4.66
CA CYS B 47 6.35 8.21 -5.92
C CYS B 47 7.25 7.03 -6.28
N GLY B 48 7.69 7.05 -7.53
CA GLY B 48 8.66 6.03 -7.95
C GLY B 48 10.05 6.60 -8.05
N GLY B 49 10.99 5.77 -8.45
CA GLY B 49 12.36 6.17 -8.63
C GLY B 49 13.10 5.08 -9.36
N THR B 50 14.32 5.38 -9.77
CA THR B 50 15.14 4.44 -10.51
C THR B 50 16.51 4.36 -9.86
N LEU B 51 16.90 3.14 -9.48
CA LEU B 51 18.27 2.92 -8.95
C LEU B 51 19.24 3.05 -10.12
N ILE B 52 20.24 3.94 -10.01
CA ILE B 52 21.22 4.16 -11.10
C ILE B 52 22.62 3.75 -10.62
N SER B 53 22.77 3.54 -9.31
CA SER B 53 24.03 3.08 -8.70
C SER B 53 23.64 2.55 -7.31
N PRO B 54 24.42 1.66 -6.67
CA PRO B 54 24.01 1.14 -5.37
C PRO B 54 23.61 2.20 -4.33
N GLU B 55 24.18 3.42 -4.43
CA GLU B 55 23.90 4.47 -3.43
C GLU B 55 23.07 5.61 -4.01
N TRP B 56 22.61 5.52 -5.25
CA TRP B 56 21.96 6.67 -5.88
C TRP B 56 20.66 6.29 -6.53
N VAL B 57 19.63 7.09 -6.29
CA VAL B 57 18.30 6.91 -6.87
C VAL B 57 17.92 8.19 -7.59
N LEU B 58 17.43 8.05 -8.81
CA LEU B 58 16.94 9.18 -9.61
C LEU B 58 15.42 9.22 -9.52
N THR B 59 14.88 10.41 -9.25
CA THR B 59 13.45 10.57 -9.16
C THR B 59 13.07 11.96 -9.68
N ALA B 60 11.81 12.33 -9.51
CA ALA B 60 11.32 13.63 -9.93
C ALA B 60 11.37 14.62 -8.78
N ALA B 61 11.80 15.85 -9.09
CA ALA B 61 11.94 16.86 -8.05
C ALA B 61 10.62 17.19 -7.38
N HIS B 62 9.52 17.14 -8.13
CA HIS B 62 8.22 17.46 -7.55
C HIS B 62 7.82 16.46 -6.46
N CYS B 63 8.36 15.25 -6.50
CA CYS B 63 8.06 14.27 -5.46
C CYS B 63 8.59 14.70 -4.10
N LEU B 64 9.55 15.63 -4.08
CA LEU B 64 10.20 16.05 -2.84
C LEU B 64 9.76 17.43 -2.40
N GLU B 65 8.73 18.00 -3.04
CA GLU B 65 8.35 19.38 -2.76
C GLU B 65 7.79 19.56 -1.35
N LYS B 66 7.36 18.57 -0.68
CA LYS B 66 6.77 18.72 0.65
C LYS B 66 7.79 18.72 1.77
N SER B 67 8.99 18.29 1.49
CA SER B 67 9.98 18.33 2.54
C SER B 67 11.40 18.34 1.98
N PRO B 68 12.23 19.30 2.38
CA PRO B 68 13.65 19.26 2.02
C PRO B 68 14.49 18.35 2.90
N ARG B 69 13.88 17.66 3.85
CA ARG B 69 14.59 16.87 4.85
C ARG B 69 14.74 15.43 4.37
N PRO B 70 15.97 14.94 4.21
CA PRO B 70 16.14 13.54 3.79
C PRO B 70 15.45 12.56 4.72
N SER B 71 15.40 12.85 6.02
CA SER B 71 14.74 11.97 6.97
C SER B 71 13.25 11.80 6.68
N SER B 72 12.68 12.63 5.81
CA SER B 72 11.27 12.50 5.45
C SER B 72 11.03 11.41 4.42
N TYR B 73 12.08 10.74 3.93
CA TYR B 73 11.97 9.83 2.81
C TYR B 73 12.70 8.53 3.10
N LYS B 74 12.13 7.44 2.60
CA LYS B 74 12.80 6.14 2.60
C LYS B 74 12.50 5.44 1.29
N VAL B 75 13.36 4.50 0.93
CA VAL B 75 13.34 3.85 -0.37
C VAL B 75 13.18 2.35 -0.19
N ILE B 76 12.30 1.76 -1.01
CA ILE B 76 12.07 0.32 -1.04
C ILE B 76 12.59 -0.22 -2.36
N LEU B 77 13.52 -1.17 -2.28
CA LEU B 77 14.13 -1.77 -3.45
C LEU B 77 13.80 -3.25 -3.52
N GLY B 78 13.66 -3.75 -4.74
CA GLY B 78 13.45 -5.17 -4.96
C GLY B 78 12.03 -5.64 -4.74
N ALA B 79 11.06 -4.74 -4.78
CA ALA B 79 9.70 -5.07 -4.41
C ALA B 79 8.85 -5.38 -5.63
N HIS B 80 7.78 -6.16 -5.41
CA HIS B 80 6.76 -6.36 -6.47
C HIS B 80 5.43 -5.96 -5.84
N GLN B 81 5.17 -6.49 -4.65
CA GLN B 81 3.96 -6.09 -3.90
C GLN B 81 4.30 -4.82 -3.14
N GLU B 82 3.38 -3.86 -3.13
CA GLU B 82 3.58 -2.58 -2.43
C GLU B 82 3.63 -2.86 -0.92
N VAL B 83 2.88 -3.86 -0.46
CA VAL B 83 2.96 -4.25 0.97
C VAL B 83 3.93 -5.43 1.08
N PRO B 87 9.66 -10.39 2.00
CA PRO B 87 10.75 -10.32 2.97
C PRO B 87 12.13 -9.99 2.36
N HIS B 88 12.28 -10.24 1.07
CA HIS B 88 13.58 -10.01 0.39
C HIS B 88 13.75 -8.52 0.14
N VAL B 89 12.74 -7.71 0.48
CA VAL B 89 12.86 -6.28 0.07
C VAL B 89 13.94 -5.57 0.90
N GLN B 90 14.60 -4.62 0.27
CA GLN B 90 15.58 -3.80 1.00
C GLN B 90 14.97 -2.43 1.31
N GLU B 91 14.99 -2.05 2.58
CA GLU B 91 14.51 -0.70 2.98
C GLU B 91 15.72 0.13 3.36
N ILE B 92 15.89 1.28 2.72
CA ILE B 92 17.06 2.12 2.94
C ILE B 92 16.58 3.55 3.17
N GLU B 93 17.13 4.19 4.20
CA GLU B 93 16.82 5.59 4.43
C GLU B 93 17.55 6.48 3.43
N VAL B 94 17.13 7.73 3.41
CA VAL B 94 17.76 8.71 2.50
C VAL B 94 18.67 9.62 3.31
N SER B 95 19.86 9.87 2.80
CA SER B 95 20.84 10.73 3.51
CA SER B 95 20.84 10.73 3.50
C SER B 95 20.92 12.17 2.96
N ARG B 96 20.77 12.27 1.64
CA ARG B 96 20.90 13.62 1.03
C ARG B 96 19.98 13.76 -0.20
N LEU B 97 19.43 14.96 -0.37
CA LEU B 97 18.60 15.25 -1.56
C LEU B 97 19.34 16.23 -2.46
N PHE B 98 19.30 16.00 -3.76
CA PHE B 98 19.95 16.88 -4.73
C PHE B 98 18.93 17.24 -5.81
N LEU B 99 18.31 18.40 -5.66
CA LEU B 99 17.39 18.90 -6.68
C LEU B 99 18.18 19.45 -7.86
N GLU B 100 17.65 19.25 -9.05
CA GLU B 100 18.30 19.81 -10.23
C GLU B 100 18.33 21.33 -10.11
N PRO B 101 19.48 21.97 -10.34
CA PRO B 101 19.63 23.39 -9.97
C PRO B 101 18.85 24.38 -10.82
N THR B 102 18.30 23.97 -11.95
CA THR B 102 17.55 24.90 -12.83
C THR B 102 16.05 24.67 -12.68
N ARG B 103 15.64 24.00 -11.60
CA ARG B 103 14.19 23.83 -11.32
C ARG B 103 13.55 22.78 -12.24
N LYS B 104 14.38 22.00 -12.94
N LYS B 104 14.38 22.00 -12.94
CA LYS B 104 13.81 20.91 -13.78
CA LYS B 104 13.83 20.90 -13.78
C LYS B 104 13.24 19.84 -12.85
C LYS B 104 13.23 19.84 -12.85
N ASP B 105 12.28 19.04 -13.35
CA ASP B 105 11.61 18.04 -12.48
C ASP B 105 12.42 16.75 -12.36
N ILE B 106 13.63 16.88 -11.84
CA ILE B 106 14.50 15.74 -11.68
C ILE B 106 15.39 15.97 -10.46
N ALA B 107 15.65 14.90 -9.73
CA ALA B 107 16.39 15.00 -8.46
C ALA B 107 17.10 13.69 -8.18
N LEU B 108 18.15 13.78 -7.37
CA LEU B 108 18.93 12.63 -6.94
C LEU B 108 18.76 12.41 -5.45
N LEU B 109 18.70 11.14 -5.05
CA LEU B 109 18.67 10.74 -3.66
C LEU B 109 19.90 9.89 -3.37
N LYS B 110 20.72 10.33 -2.42
CA LYS B 110 21.81 9.48 -1.94
C LYS B 110 21.30 8.65 -0.78
N LEU B 111 21.45 7.34 -0.89
CA LEU B 111 20.94 6.44 0.12
C LEU B 111 21.87 6.40 1.33
N SER B 112 21.28 6.10 2.50
CA SER B 112 22.06 6.03 3.72
C SER B 112 23.05 4.88 3.71
N SER B 113 22.83 3.88 2.85
CA SER B 113 23.76 2.78 2.67
C SER B 113 23.63 2.29 1.23
N PRO B 114 24.67 1.66 0.69
CA PRO B 114 24.57 1.13 -0.67
C PRO B 114 23.61 -0.04 -0.71
N ALA B 115 22.74 -0.04 -1.71
CA ALA B 115 21.87 -1.19 -1.93
C ALA B 115 22.71 -2.41 -2.26
N VAL B 116 22.24 -3.58 -1.82
CA VAL B 116 22.90 -4.84 -2.15
C VAL B 116 22.39 -5.31 -3.50
N ILE B 117 23.31 -5.51 -4.45
CA ILE B 117 22.93 -5.96 -5.78
C ILE B 117 22.57 -7.44 -5.72
N THR B 118 21.37 -7.77 -6.21
CA THR B 118 20.86 -9.13 -6.22
C THR B 118 20.12 -9.33 -7.53
N ASP B 119 19.59 -10.54 -7.73
CA ASP B 119 18.78 -10.79 -8.92
C ASP B 119 17.53 -9.91 -8.94
N LYS B 120 17.16 -9.33 -7.81
CA LYS B 120 15.96 -8.51 -7.70
C LYS B 120 16.26 -7.02 -7.61
N VAL B 121 17.53 -6.65 -7.43
CA VAL B 121 17.92 -5.25 -7.26
C VAL B 121 19.13 -5.00 -8.15
N ILE B 122 18.92 -4.29 -9.26
CA ILE B 122 19.94 -4.06 -10.28
C ILE B 122 19.76 -2.64 -10.81
N PRO B 123 20.84 -1.86 -10.93
CA PRO B 123 20.68 -0.49 -11.43
C PRO B 123 20.38 -0.47 -12.93
N ALA B 124 19.67 0.58 -13.32
CA ALA B 124 19.47 0.86 -14.73
C ALA B 124 20.67 1.62 -15.29
N CYS B 125 20.81 1.58 -16.61
CA CYS B 125 21.90 2.27 -17.28
C CYS B 125 21.48 3.68 -17.65
N LEU B 126 22.40 4.58 -17.55
CA LEU B 126 22.16 5.93 -18.03
C LEU B 126 22.54 6.04 -19.50
N PRO B 127 21.89 6.94 -20.22
CA PRO B 127 22.23 7.16 -21.63
C PRO B 127 23.47 8.04 -21.76
N SER B 128 23.94 8.15 -22.99
CA SER B 128 25.03 9.07 -23.28
C SER B 128 24.51 10.51 -23.25
N PRO B 129 25.36 11.46 -22.87
CA PRO B 129 24.92 12.86 -22.77
C PRO B 129 24.25 13.35 -24.06
N ASN B 130 23.03 13.88 -23.89
CA ASN B 130 22.25 14.57 -24.92
C ASN B 130 21.76 13.64 -26.03
N TYR B 131 21.84 12.33 -25.84
CA TYR B 131 21.22 11.39 -26.76
C TYR B 131 19.73 11.71 -26.90
N VAL B 132 19.20 11.57 -28.12
CA VAL B 132 17.82 11.88 -28.44
C VAL B 132 17.12 10.59 -28.86
N VAL B 133 16.23 10.08 -27.99
CA VAL B 133 15.51 8.86 -28.30
C VAL B 133 14.63 9.08 -29.52
N ALA B 134 14.70 8.15 -30.48
CA ALA B 134 14.05 8.34 -31.76
C ALA B 134 12.54 8.24 -31.65
N ASP B 135 11.87 8.95 -32.54
CA ASP B 135 10.42 8.85 -32.67
C ASP B 135 10.03 7.39 -32.89
N ARG B 136 8.94 6.98 -32.24
CA ARG B 136 8.32 5.66 -32.32
C ARG B 136 9.10 4.60 -31.54
N THR B 137 10.21 4.94 -30.89
CA THR B 137 10.92 3.97 -30.08
C THR B 137 9.99 3.40 -29.01
N GLU B 138 9.94 2.08 -28.92
CA GLU B 138 9.09 1.41 -27.93
C GLU B 138 9.85 1.33 -26.61
N CYS B 139 9.25 1.87 -25.56
CA CYS B 139 9.85 1.90 -24.23
C CYS B 139 8.84 1.40 -23.21
N PHE B 140 9.29 1.23 -21.99
CA PHE B 140 8.44 0.74 -20.91
C PHE B 140 8.45 1.73 -19.75
N ILE B 141 7.27 1.95 -19.19
CA ILE B 141 7.11 2.70 -17.95
C ILE B 141 6.56 1.75 -16.91
N THR B 142 7.01 1.95 -15.67
CA THR B 142 6.61 1.03 -14.59
C THR B 142 6.26 1.84 -13.33
N GLY B 143 5.44 1.25 -12.47
CA GLY B 143 5.12 1.92 -11.20
C GLY B 143 3.94 1.32 -10.46
N TRP B 144 3.69 1.81 -9.25
CA TRP B 144 2.58 1.33 -8.40
C TRP B 144 1.51 2.40 -8.27
N GLY B 145 1.40 3.26 -9.27
CA GLY B 145 0.47 4.40 -9.13
C GLY B 145 -0.98 4.10 -9.41
N GLU B 146 -1.75 5.17 -9.59
CA GLU B 146 -3.21 5.07 -9.82
C GLU B 146 -3.48 4.15 -11.00
N THR B 147 -4.54 3.36 -10.91
CA THR B 147 -4.92 2.43 -12.00
C THR B 147 -6.23 2.90 -12.62
N GLN B 148 -6.90 3.89 -12.01
CA GLN B 148 -8.12 4.46 -12.61
C GLN B 148 -9.09 3.36 -13.06
N GLY B 149 -9.26 2.32 -12.24
CA GLY B 149 -10.25 1.28 -12.55
C GLY B 149 -9.64 0.09 -13.27
N THR B 150 -8.39 0.22 -13.68
CA THR B 150 -7.68 -0.89 -14.34
C THR B 150 -7.18 -1.80 -13.22
N PHE B 151 -6.92 -3.06 -13.50
CA PHE B 151 -6.53 -3.97 -12.39
C PHE B 151 -5.05 -3.79 -12.07
N GLY B 152 -4.56 -4.54 -11.08
CA GLY B 152 -3.14 -4.49 -10.72
C GLY B 152 -2.83 -3.63 -9.49
N ALA B 153 -3.86 -3.12 -8.80
CA ALA B 153 -3.56 -2.21 -7.67
C ALA B 153 -2.77 -2.97 -6.60
N GLY B 154 -1.68 -2.37 -6.12
CA GLY B 154 -0.78 -2.97 -5.12
C GLY B 154 0.36 -3.78 -5.75
N LEU B 155 0.29 -4.03 -7.05
CA LEU B 155 1.35 -4.82 -7.71
C LEU B 155 2.06 -3.93 -8.73
N LEU B 156 3.36 -4.15 -8.94
CA LEU B 156 4.08 -3.31 -9.89
C LEU B 156 3.55 -3.53 -11.29
N LYS B 157 3.14 -2.45 -11.94
CA LYS B 157 2.59 -2.52 -13.28
C LYS B 157 3.57 -1.93 -14.29
N GLU B 158 3.30 -2.25 -15.56
CA GLU B 158 4.11 -1.79 -16.67
C GLU B 158 3.21 -1.37 -17.80
N ALA B 159 3.74 -0.51 -18.67
CA ALA B 159 3.06 -0.13 -19.89
C ALA B 159 4.11 0.06 -20.97
N GLN B 160 3.85 -0.48 -22.15
CA GLN B 160 4.73 -0.32 -23.30
C GLN B 160 4.21 0.83 -24.14
N LEU B 161 5.00 1.90 -24.22
CA LEU B 161 4.58 3.13 -24.87
C LEU B 161 5.60 3.55 -25.92
N PRO B 162 5.13 4.07 -27.06
CA PRO B 162 6.06 4.59 -28.06
C PRO B 162 6.42 6.03 -27.78
N VAL B 163 7.70 6.35 -27.98
CA VAL B 163 8.15 7.73 -27.90
C VAL B 163 7.52 8.54 -29.03
N ILE B 164 7.17 9.78 -28.74
CA ILE B 164 6.64 10.72 -29.71
C ILE B 164 7.58 11.91 -29.75
N GLU B 165 8.21 12.14 -30.89
CA GLU B 165 9.19 13.22 -30.98
C GLU B 165 8.56 14.55 -30.58
N ASN B 166 9.36 15.38 -29.91
CA ASN B 166 8.83 16.63 -29.36
C ASN B 166 8.14 17.47 -30.42
N LYS B 167 8.69 17.50 -31.63
CA LYS B 167 8.09 18.32 -32.69
C LYS B 167 6.66 17.91 -32.95
N VAL B 168 6.36 16.61 -32.90
CA VAL B 168 4.99 16.14 -33.08
C VAL B 168 4.20 16.35 -31.79
N CYS B 169 4.81 16.02 -30.66
CA CYS B 169 4.12 16.12 -29.37
C CYS B 169 3.68 17.55 -29.08
N ASN B 170 4.39 18.55 -29.61
CA ASN B 170 4.06 19.94 -29.34
C ASN B 170 3.01 20.49 -30.29
N ARG B 171 2.55 19.70 -31.26
CA ARG B 171 1.52 20.18 -32.16
C ARG B 171 0.21 20.40 -31.42
N TYR B 172 -0.65 21.24 -31.98
CA TYR B 172 -1.86 21.66 -31.28
C TYR B 172 -2.71 20.46 -30.86
N GLU B 173 -2.85 19.46 -31.73
CA GLU B 173 -3.73 18.34 -31.43
C GLU B 173 -3.24 17.53 -30.24
N PHE B 174 -1.99 17.72 -29.81
CA PHE B 174 -1.43 16.95 -28.72
C PHE B 174 -1.19 17.90 -27.55
N LEU B 175 0.05 18.30 -27.29
CA LEU B 175 0.35 19.12 -26.12
C LEU B 175 0.57 20.59 -26.43
N ASN B 176 0.49 20.98 -27.70
CA ASN B 176 0.39 22.39 -28.10
C ASN B 176 1.46 23.25 -27.44
N GLY B 177 2.72 22.93 -27.74
CA GLY B 177 3.85 23.77 -27.40
C GLY B 177 4.28 23.76 -25.95
N ARG B 178 3.81 22.81 -25.15
CA ARG B 178 4.12 22.79 -23.72
C ARG B 178 5.41 22.06 -23.39
N VAL B 179 5.88 21.28 -24.33
CA VAL B 179 7.03 20.38 -24.02
C VAL B 179 8.37 21.05 -24.32
N GLN B 180 9.27 21.00 -23.34
CA GLN B 180 10.61 21.61 -23.52
C GLN B 180 11.60 20.60 -24.09
N SER B 181 12.73 21.08 -24.62
CA SER B 181 13.80 20.21 -25.16
C SER B 181 14.29 19.23 -24.09
N THR B 182 14.22 19.63 -22.83
CA THR B 182 14.73 18.82 -21.69
C THR B 182 13.69 17.76 -21.29
N GLU B 183 12.62 17.64 -22.07
CA GLU B 183 11.59 16.65 -21.84
C GLU B 183 11.39 15.84 -23.10
N LEU B 184 10.74 14.68 -22.95
CA LEU B 184 10.34 13.85 -24.06
C LEU B 184 8.92 13.36 -23.82
N CYS B 185 8.27 12.93 -24.89
CA CYS B 185 6.90 12.47 -24.85
C CYS B 185 6.82 10.99 -25.20
N ALA B 186 5.86 10.30 -24.59
CA ALA B 186 5.59 8.91 -24.89
C ALA B 186 4.15 8.62 -24.52
N GLY B 187 3.47 7.85 -25.37
CA GLY B 187 2.10 7.50 -25.05
C GLY B 187 1.33 6.78 -26.14
N HIS B 188 0.20 6.23 -25.72
CA HIS B 188 -0.72 5.51 -26.64
C HIS B 188 -1.82 6.52 -26.98
N LEU B 189 -1.77 7.08 -28.18
CA LEU B 189 -2.67 8.19 -28.53
C LEU B 189 -4.16 7.82 -28.53
N ALA B 190 -4.48 6.54 -28.70
CA ALA B 190 -5.90 6.12 -28.65
C ALA B 190 -6.40 6.19 -27.21
N GLY B 191 -5.47 6.29 -26.27
CA GLY B 191 -5.84 6.40 -24.86
C GLY B 191 -6.01 5.08 -24.13
N GLY B 192 -6.15 5.15 -22.80
CA GLY B 192 -6.42 3.98 -21.99
C GLY B 192 -5.22 3.38 -21.28
N THR B 193 -4.01 3.75 -21.66
CA THR B 193 -2.79 3.19 -21.06
C THR B 193 -1.82 4.34 -20.83
N ASP B 194 -1.34 4.48 -19.59
CA ASP B 194 -0.50 5.61 -19.27
C ASP B 194 0.05 5.47 -17.86
N SER B 195 1.18 6.13 -17.62
CA SER B 195 1.60 6.37 -16.25
C SER B 195 0.70 7.43 -15.63
N CYS B 196 0.64 7.43 -14.29
CA CYS B 196 -0.27 8.35 -13.63
C CYS B 196 0.26 8.69 -12.26
N GLN B 197 -0.58 9.32 -11.45
CA GLN B 197 -0.22 9.66 -10.07
C GLN B 197 0.28 8.43 -9.33
N GLY B 198 1.37 8.59 -8.61
CA GLY B 198 2.04 7.49 -7.95
C GLY B 198 3.15 6.86 -8.76
N ASP B 199 3.15 7.06 -10.08
CA ASP B 199 4.23 6.64 -10.94
C ASP B 199 5.29 7.72 -11.14
N ALA B 200 4.97 8.97 -10.83
CA ALA B 200 5.91 10.06 -11.02
C ALA B 200 7.24 9.73 -10.37
N GLY B 201 8.32 10.23 -10.98
CA GLY B 201 9.66 9.92 -10.55
C GLY B 201 10.18 8.58 -11.01
N GLY B 202 9.31 7.70 -11.51
CA GLY B 202 9.71 6.38 -11.94
C GLY B 202 10.35 6.40 -13.31
N PRO B 203 10.75 5.21 -13.74
CA PRO B 203 11.55 5.10 -14.98
C PRO B 203 10.73 5.01 -16.24
N LEU B 204 11.31 5.55 -17.31
CA LEU B 204 10.95 5.22 -18.68
C LEU B 204 12.21 4.65 -19.32
N VAL B 205 12.20 3.34 -19.57
CA VAL B 205 13.37 2.64 -20.09
C VAL B 205 13.10 2.17 -21.50
N CYS B 206 14.16 2.15 -22.31
CA CYS B 206 14.08 1.67 -23.68
C CYS B 206 15.19 0.67 -23.91
N PHE B 207 14.83 -0.47 -24.49
CA PHE B 207 15.83 -1.53 -24.74
C PHE B 207 16.78 -1.09 -25.86
N GLU B 208 18.08 -1.31 -25.68
CA GLU B 208 19.10 -0.87 -26.65
C GLU B 208 20.17 -1.95 -26.82
N LYS B 209 20.03 -2.78 -27.86
CA LYS B 209 21.03 -3.83 -28.17
C LYS B 209 21.02 -4.97 -27.15
N ASP B 210 21.39 -4.71 -25.91
CA ASP B 210 21.53 -5.82 -24.93
C ASP B 210 21.10 -5.40 -23.53
N LYS B 211 20.54 -4.19 -23.41
CA LYS B 211 20.23 -3.72 -22.05
C LYS B 211 19.20 -2.59 -22.10
N TYR B 212 18.66 -2.27 -20.94
CA TYR B 212 17.67 -1.18 -20.84
C TYR B 212 18.36 0.11 -20.43
N ILE B 213 18.03 1.18 -21.12
CA ILE B 213 18.57 2.50 -20.84
C ILE B 213 17.46 3.35 -20.23
N LEU B 214 17.78 4.04 -19.14
CA LEU B 214 16.85 4.99 -18.53
C LEU B 214 16.87 6.27 -19.36
N GLN B 215 15.81 6.46 -20.15
CA GLN B 215 15.73 7.63 -21.03
C GLN B 215 14.81 8.72 -20.49
N GLY B 216 13.89 8.39 -19.59
CA GLY B 216 12.94 9.37 -19.09
C GLY B 216 12.63 9.16 -17.63
N VAL B 217 12.19 10.24 -17.00
CA VAL B 217 11.66 10.21 -15.64
C VAL B 217 10.22 10.69 -15.71
N THR B 218 9.30 9.87 -15.23
CA THR B 218 7.88 10.21 -15.26
C THR B 218 7.64 11.53 -14.53
N SER B 219 7.04 12.49 -15.23
CA SER B 219 6.95 13.84 -14.69
C SER B 219 5.51 14.36 -14.61
N TRP B 220 4.88 14.60 -15.76
CA TRP B 220 3.56 15.23 -15.76
C TRP B 220 2.79 14.83 -17.00
N GLY B 221 1.56 15.30 -17.07
CA GLY B 221 0.70 15.08 -18.21
C GLY B 221 -0.60 15.81 -18.03
N LEU B 222 -1.31 15.99 -19.14
CA LEU B 222 -2.67 16.55 -19.11
C LEU B 222 -3.60 15.38 -18.86
N GLY B 223 -3.90 15.14 -17.59
CA GLY B 223 -4.62 13.95 -17.20
C GLY B 223 -3.75 12.71 -17.36
N CYS B 224 -4.42 11.57 -17.32
CA CYS B 224 -3.77 10.28 -17.52
C CYS B 224 -4.57 9.48 -18.55
N ALA B 225 -3.87 8.90 -19.53
CA ALA B 225 -4.45 7.97 -20.48
C ALA B 225 -5.55 8.58 -21.32
N ARG B 226 -5.58 9.90 -21.42
CA ARG B 226 -6.55 10.52 -22.31
C ARG B 226 -6.07 10.41 -23.77
N PRO B 227 -6.99 10.17 -24.71
CA PRO B 227 -6.58 10.13 -26.11
C PRO B 227 -5.87 11.41 -26.51
N ASN B 228 -4.85 11.27 -27.35
CA ASN B 228 -4.14 12.40 -27.95
C ASN B 228 -3.47 13.29 -26.91
N LYS B 229 -3.21 12.76 -25.72
CA LYS B 229 -2.58 13.51 -24.65
C LYS B 229 -1.47 12.64 -24.05
N PRO B 230 -0.33 12.56 -24.72
CA PRO B 230 0.75 11.69 -24.24
C PRO B 230 1.43 12.25 -23.01
N GLY B 231 1.99 11.35 -22.21
CA GLY B 231 2.70 11.77 -21.03
C GLY B 231 4.03 12.42 -21.35
N VAL B 232 4.48 13.26 -20.41
CA VAL B 232 5.73 14.00 -20.55
C VAL B 232 6.72 13.49 -19.51
N TYR B 233 7.96 13.30 -19.95
CA TYR B 233 9.01 12.75 -19.12
C TYR B 233 10.24 13.63 -19.23
N VAL B 234 10.99 13.74 -18.13
CA VAL B 234 12.26 14.45 -18.19
C VAL B 234 13.23 13.63 -19.03
N ARG B 235 13.90 14.31 -19.98
CA ARG B 235 14.86 13.66 -20.86
C ARG B 235 16.16 13.45 -20.08
N VAL B 236 16.36 12.22 -19.59
CA VAL B 236 17.50 11.95 -18.72
C VAL B 236 18.82 12.30 -19.38
N SER B 237 18.91 12.11 -20.70
CA SER B 237 20.17 12.36 -21.39
C SER B 237 20.67 13.79 -21.22
N ARG B 238 19.76 14.75 -21.05
CA ARG B 238 20.15 16.14 -20.89
C ARG B 238 20.66 16.44 -19.49
N PHE B 239 20.66 15.46 -18.59
CA PHE B 239 21.08 15.66 -17.21
C PHE B 239 22.14 14.66 -16.77
N VAL B 240 22.68 13.87 -17.70
CA VAL B 240 23.69 12.88 -17.34
C VAL B 240 24.93 13.56 -16.79
N THR B 241 25.36 14.66 -17.42
CA THR B 241 26.54 15.35 -16.94
C THR B 241 26.35 15.86 -15.52
N TRP B 242 25.18 16.45 -15.23
CA TRP B 242 24.88 16.89 -13.88
C TRP B 242 24.83 15.71 -12.91
N ILE B 243 24.18 14.62 -13.33
CA ILE B 243 24.06 13.44 -12.47
C ILE B 243 25.42 12.88 -12.12
N GLU B 244 26.27 12.70 -13.13
CA GLU B 244 27.59 12.13 -12.89
C GLU B 244 28.42 13.04 -12.01
N GLY B 245 28.24 14.35 -12.12
CA GLY B 245 28.96 15.27 -11.26
C GLY B 245 28.53 15.16 -9.81
N VAL B 246 27.22 15.11 -9.56
CA VAL B 246 26.73 14.97 -8.20
C VAL B 246 27.28 13.69 -7.57
N MET B 247 27.20 12.58 -8.29
CA MET B 247 27.71 11.32 -7.74
C MET B 247 29.22 11.39 -7.52
N ARG B 248 29.94 12.07 -8.41
CA ARG B 248 31.39 12.17 -8.24
C ARG B 248 31.75 12.92 -6.97
N ASN B 249 31.15 14.09 -6.75
CA ASN B 249 31.58 14.99 -5.69
C ASN B 249 30.75 14.86 -4.41
N ASN B 250 30.01 13.77 -4.26
CA ASN B 250 29.21 13.57 -3.05
C ASN B 250 29.20 12.11 -2.62
#